data_9UHC
#
_entry.id   9UHC
#
_cell.length_a   212.436
_cell.length_b   49.778
_cell.length_c   66.953
_cell.angle_alpha   90.00
_cell.angle_beta   107.50
_cell.angle_gamma   90.00
#
_symmetry.space_group_name_H-M   'C 1 2 1'
#
loop_
_entity.id
_entity.type
_entity.pdbx_description
1 polymer 'Fibroblast growth factor receptor 1'
2 non-polymer ~{N}-[1-methyl-3-[2-[1-(2-morpholin-4-ylethyl)pyrazol-4-yl]-5~{H}-pyrrolo[2,3-b]pyrazin-7-yl]indol-6-yl]propanamide
3 non-polymer 'SULFATE ION'
4 water water
#
_entity_poly.entity_id   1
_entity_poly.type   'polypeptide(L)'
_entity_poly.pdbx_seq_one_letter_code
;GPAGVSEYELPEDPRWELPRDRLVLGKPLGEGCFGQVVLAEAIGLDKDKPNRVTKVAVKMLKSDATEKDLSDLISEMEMM
KMIGKHKNIINLLGACTQDGPLYVIVEYASKGNLREYLQARRPPGLEYSYNPSHNPEEQLSSKDLVSCAYQVARGMEYLA
SKKCIHRDLAARNVLVTEDNVMKIADFGLARDIHHIDYYKKTTNGRLPVKWMAPEALFDRIYTHQSDVWSFGVLLWEIFT
LGGSPYPGVPVEELFKLLKEGHRMDKPSNCTNELYMMMRDCWHAVPSQRPTFKQLVEDLDRIVALTSNQE
;
_entity_poly.pdbx_strand_id   A,B
#
# COMPACT_ATOMS: atom_id res chain seq x y z
N GLY A 1 -49.91 -5.48 19.94
CA GLY A 1 -49.10 -4.34 20.31
C GLY A 1 -48.80 -3.43 19.13
N PRO A 2 -49.67 -2.45 18.89
CA PRO A 2 -49.40 -1.45 17.83
C PRO A 2 -48.24 -0.51 18.14
N ALA A 3 -47.64 -0.59 19.33
CA ALA A 3 -46.54 0.27 19.72
C ALA A 3 -45.39 0.17 18.72
N GLY A 4 -44.95 1.33 18.22
CA GLY A 4 -43.82 1.35 17.29
C GLY A 4 -44.09 0.82 15.90
N VAL A 5 -45.35 0.60 15.52
CA VAL A 5 -45.69 0.25 14.14
C VAL A 5 -45.58 1.50 13.29
N SER A 6 -44.93 1.38 12.13
CA SER A 6 -44.87 2.51 11.22
C SER A 6 -46.26 2.87 10.69
N GLU A 7 -46.51 4.17 10.56
CA GLU A 7 -47.72 4.65 9.92
C GLU A 7 -47.66 4.51 8.42
N TYR A 8 -46.48 4.23 7.86
CA TYR A 8 -46.25 4.12 6.44
C TYR A 8 -46.24 2.66 6.01
N GLU A 9 -46.33 2.46 4.69
CA GLU A 9 -46.30 1.12 4.11
C GLU A 9 -44.88 0.86 3.62
N LEU A 10 -44.04 0.35 4.51
CA LEU A 10 -42.66 0.13 4.06
C LEU A 10 -42.56 -1.18 3.26
N PRO A 11 -41.82 -1.18 2.12
CA PRO A 11 -41.89 -2.29 1.15
C PRO A 11 -41.00 -3.45 1.58
N GLU A 12 -41.63 -4.57 1.94
CA GLU A 12 -40.93 -5.80 2.27
C GLU A 12 -40.62 -6.61 1.02
N ASP A 13 -39.33 -6.85 0.77
CA ASP A 13 -38.92 -7.62 -0.40
C ASP A 13 -38.24 -8.88 0.14
N PRO A 14 -38.86 -10.06 0.01
CA PRO A 14 -38.31 -11.28 0.65
C PRO A 14 -36.89 -11.61 0.24
N ARG A 15 -36.45 -11.20 -0.94
CA ARG A 15 -35.06 -11.46 -1.32
C ARG A 15 -34.08 -10.73 -0.42
N TRP A 16 -34.45 -9.54 0.06
CA TRP A 16 -33.52 -8.63 0.72
C TRP A 16 -33.75 -8.46 2.20
N GLU A 17 -34.93 -8.83 2.72
CA GLU A 17 -35.27 -8.52 4.11
C GLU A 17 -34.44 -9.35 5.08
N LEU A 18 -33.86 -8.71 6.09
CA LEU A 18 -33.09 -9.41 7.13
C LEU A 18 -33.77 -9.19 8.48
N PRO A 19 -34.00 -10.23 9.29
CA PRO A 19 -34.48 -9.99 10.67
C PRO A 19 -33.45 -9.14 11.40
N ARG A 20 -33.92 -8.10 12.09
CA ARG A 20 -32.93 -7.24 12.72
C ARG A 20 -32.25 -7.91 13.91
N ASP A 21 -32.77 -9.04 14.41
CA ASP A 21 -32.01 -9.72 15.46
C ASP A 21 -30.79 -10.45 14.90
N ARG A 22 -30.61 -10.42 13.58
CA ARG A 22 -29.37 -10.89 12.96
C ARG A 22 -28.29 -9.82 12.91
N LEU A 23 -28.55 -8.62 13.41
CA LEU A 23 -27.56 -7.55 13.38
C LEU A 23 -27.05 -7.29 14.78
N VAL A 24 -25.74 -7.26 14.94
CA VAL A 24 -25.11 -6.87 16.20
C VAL A 24 -24.47 -5.51 15.96
N LEU A 25 -25.08 -4.46 16.47
CA LEU A 25 -24.64 -3.11 16.14
C LEU A 25 -23.36 -2.77 16.87
N GLY A 26 -22.46 -2.09 16.17
CA GLY A 26 -21.17 -1.74 16.68
C GLY A 26 -20.95 -0.24 16.58
N LYS A 27 -19.75 0.17 16.18
CA LYS A 27 -19.32 1.56 16.29
C LYS A 27 -19.96 2.45 15.22
N PRO A 28 -20.05 3.75 15.49
CA PRO A 28 -20.59 4.68 14.49
C PRO A 28 -19.66 4.81 13.31
N LEU A 29 -20.26 5.02 12.13
CA LEU A 29 -19.52 5.31 10.91
C LEU A 29 -19.77 6.72 10.43
N GLY A 30 -20.45 7.53 11.22
CA GLY A 30 -20.70 8.91 10.85
C GLY A 30 -22.18 9.19 10.60
N GLU A 31 -22.48 10.49 10.54
CA GLU A 31 -23.76 11.06 10.10
C GLU A 31 -23.96 11.06 8.60
N GLY A 32 -25.00 10.36 8.13
CA GLY A 32 -25.47 10.52 6.76
C GLY A 32 -26.57 11.59 6.67
N CYS A 33 -27.09 11.82 5.47
CA CYS A 33 -28.15 12.84 5.39
C CYS A 33 -29.44 12.35 6.05
N PHE A 34 -29.70 11.04 6.04
CA PHE A 34 -30.94 10.54 6.60
C PHE A 34 -30.84 10.12 8.06
N GLY A 35 -29.64 10.04 8.62
CA GLY A 35 -29.48 9.46 9.95
C GLY A 35 -28.08 8.89 10.11
N GLN A 36 -27.83 8.30 11.28
CA GLN A 36 -26.53 7.67 11.52
C GLN A 36 -26.29 6.53 10.52
N VAL A 37 -25.02 6.24 10.30
CA VAL A 37 -24.58 4.99 9.67
C VAL A 37 -23.70 4.29 10.70
N VAL A 38 -23.95 2.99 10.92
CA VAL A 38 -23.25 2.28 12.00
C VAL A 38 -22.72 0.95 11.48
N LEU A 39 -21.57 0.56 12.02
CA LEU A 39 -20.96 -0.72 11.68
C LEU A 39 -21.70 -1.82 12.41
N ALA A 40 -21.96 -2.93 11.73
CA ALA A 40 -22.65 -4.03 12.40
C ALA A 40 -22.07 -5.33 11.91
N GLU A 41 -22.21 -6.36 12.72
CA GLU A 41 -21.97 -7.73 12.30
C GLU A 41 -23.31 -8.37 11.99
N ALA A 42 -23.46 -8.92 10.79
CA ALA A 42 -24.70 -9.56 10.38
C ALA A 42 -24.52 -11.07 10.40
N ILE A 43 -25.45 -11.78 11.06
CA ILE A 43 -25.36 -13.24 11.18
C ILE A 43 -26.19 -13.87 10.08
N GLY A 44 -25.57 -14.76 9.30
CA GLY A 44 -26.29 -15.47 8.26
C GLY A 44 -26.80 -14.58 7.15
N LEU A 45 -26.04 -13.54 6.79
CA LEU A 45 -26.41 -12.67 5.68
C LEU A 45 -26.57 -13.46 4.40
N ASP A 46 -25.61 -14.34 4.11
CA ASP A 46 -25.75 -15.31 3.03
C ASP A 46 -26.51 -16.54 3.55
N LYS A 47 -27.68 -16.82 2.97
CA LYS A 47 -28.47 -17.98 3.39
C LYS A 47 -27.73 -19.30 3.20
N ASP A 48 -26.69 -19.33 2.36
CA ASP A 48 -25.87 -20.54 2.22
C ASP A 48 -25.05 -20.81 3.49
N LYS A 49 -24.60 -19.75 4.17
CA LYS A 49 -23.68 -19.86 5.30
C LYS A 49 -24.35 -19.19 6.49
N PRO A 50 -25.31 -19.86 7.14
CA PRO A 50 -26.12 -19.19 8.17
C PRO A 50 -25.39 -18.98 9.50
N ASN A 51 -24.25 -19.63 9.70
CA ASN A 51 -23.53 -19.51 10.95
C ASN A 51 -22.32 -18.58 10.83
N ARG A 52 -22.23 -17.82 9.75
CA ARG A 52 -21.10 -16.92 9.54
C ARG A 52 -21.52 -15.48 9.83
N VAL A 53 -20.54 -14.64 10.22
CA VAL A 53 -20.78 -13.26 10.52
C VAL A 53 -20.12 -12.41 9.43
N THR A 54 -20.80 -11.35 8.98
CA THR A 54 -20.28 -10.42 7.97
C THR A 54 -20.35 -9.01 8.54
N LYS A 55 -19.24 -8.25 8.45
CA LYS A 55 -19.28 -6.82 8.76
C LYS A 55 -20.00 -6.05 7.65
N VAL A 56 -20.91 -5.15 8.03
CA VAL A 56 -21.78 -4.41 7.10
C VAL A 56 -21.94 -3.01 7.66
N ALA A 57 -22.40 -2.07 6.81
CA ALA A 57 -22.72 -0.71 7.25
C ALA A 57 -24.22 -0.55 7.22
N VAL A 58 -24.78 -0.03 8.31
CA VAL A 58 -26.24 0.03 8.48
C VAL A 58 -26.64 1.50 8.41
N LYS A 59 -27.36 1.89 7.35
CA LYS A 59 -27.87 3.24 7.21
C LYS A 59 -29.23 3.31 7.92
N MET A 60 -29.35 4.25 8.86
CA MET A 60 -30.55 4.36 9.67
C MET A 60 -31.26 5.68 9.33
N LEU A 61 -32.52 5.73 9.69
CA LEU A 61 -33.33 6.94 9.55
C LEU A 61 -33.44 7.60 10.92
N LYS A 62 -33.03 8.87 10.99
CA LYS A 62 -33.14 9.63 12.24
C LYS A 62 -34.59 9.71 12.70
N SER A 63 -34.78 9.82 14.03
CA SER A 63 -36.11 9.74 14.60
C SER A 63 -37.00 10.91 14.18
N ASP A 64 -36.40 12.08 13.96
CA ASP A 64 -37.11 13.26 13.49
C ASP A 64 -37.07 13.41 11.97
N ALA A 65 -36.89 12.33 11.23
CA ALA A 65 -36.86 12.41 9.78
C ALA A 65 -38.25 12.79 9.26
N THR A 66 -38.28 13.46 8.12
CA THR A 66 -39.54 13.79 7.48
C THR A 66 -39.96 12.68 6.52
N GLU A 67 -41.16 12.84 5.97
CA GLU A 67 -41.65 11.87 5.01
C GLU A 67 -40.86 11.92 3.70
N LYS A 68 -40.39 13.11 3.30
CA LYS A 68 -39.48 13.19 2.17
C LYS A 68 -38.21 12.40 2.43
N ASP A 69 -37.64 12.53 3.64
CA ASP A 69 -36.45 11.76 4.01
C ASP A 69 -36.70 10.25 3.91
N LEU A 70 -37.83 9.80 4.46
CA LEU A 70 -38.17 8.38 4.39
C LEU A 70 -38.30 7.93 2.94
N SER A 71 -39.03 8.69 2.14
CA SER A 71 -39.21 8.36 0.73
C SER A 71 -37.88 8.34 -0.03
N ASP A 72 -36.97 9.26 0.29
CA ASP A 72 -35.69 9.29 -0.39
C ASP A 72 -34.81 8.07 -0.03
N LEU A 73 -34.83 7.64 1.22
CA LEU A 73 -34.03 6.47 1.60
C LEU A 73 -34.59 5.20 0.96
N ILE A 74 -35.92 5.09 0.89
CA ILE A 74 -36.54 3.97 0.17
C ILE A 74 -36.18 4.03 -1.31
N SER A 75 -36.27 5.21 -1.91
CA SER A 75 -35.95 5.33 -3.34
C SER A 75 -34.50 4.92 -3.63
N GLU A 76 -33.56 5.34 -2.78
CA GLU A 76 -32.17 4.91 -2.98
C GLU A 76 -32.03 3.39 -2.88
N MET A 77 -32.71 2.78 -1.90
CA MET A 77 -32.62 1.32 -1.77
C MET A 77 -33.18 0.62 -3.01
N GLU A 78 -34.33 1.07 -3.51
CA GLU A 78 -34.89 0.44 -4.72
C GLU A 78 -34.04 0.72 -5.95
N MET A 79 -33.42 1.88 -6.03
CA MET A 79 -32.56 2.17 -7.17
C MET A 79 -31.32 1.29 -7.16
N MET A 80 -30.76 1.03 -5.97
CA MET A 80 -29.62 0.11 -5.86
C MET A 80 -29.98 -1.28 -6.38
N LYS A 81 -31.20 -1.76 -6.08
CA LYS A 81 -31.62 -3.04 -6.64
C LYS A 81 -31.65 -3.02 -8.16
N MET A 82 -32.21 -1.96 -8.74
CA MET A 82 -32.31 -1.94 -10.20
C MET A 82 -30.96 -1.79 -10.86
N ILE A 83 -30.05 -1.07 -10.22
CA ILE A 83 -28.75 -0.87 -10.87
C ILE A 83 -27.93 -2.16 -10.87
N GLY A 84 -28.05 -2.97 -9.80
CA GLY A 84 -27.31 -4.22 -9.76
C GLY A 84 -25.92 -4.06 -9.16
N LYS A 85 -25.23 -5.19 -9.02
CA LYS A 85 -23.96 -5.22 -8.28
C LYS A 85 -22.78 -4.95 -9.18
N HIS A 86 -21.77 -4.27 -8.62
CA HIS A 86 -20.48 -4.11 -9.29
C HIS A 86 -19.41 -4.02 -8.23
N LYS A 87 -18.22 -4.52 -8.56
CA LYS A 87 -17.09 -4.51 -7.64
C LYS A 87 -16.75 -3.11 -7.14
N ASN A 88 -16.95 -2.09 -7.97
CA ASN A 88 -16.44 -0.77 -7.61
C ASN A 88 -17.54 0.20 -7.23
N ILE A 89 -18.65 -0.31 -6.70
CA ILE A 89 -19.67 0.52 -6.09
C ILE A 89 -20.02 -0.03 -4.71
N ILE A 90 -20.58 0.83 -3.88
CA ILE A 90 -21.07 0.41 -2.56
C ILE A 90 -22.40 -0.32 -2.79
N ASN A 91 -22.41 -1.63 -2.61
CA ASN A 91 -23.54 -2.48 -2.96
C ASN A 91 -24.56 -2.61 -1.84
N LEU A 92 -25.82 -2.74 -2.23
CA LEU A 92 -26.86 -3.10 -1.26
C LEU A 92 -26.69 -4.54 -0.82
N LEU A 93 -26.85 -4.81 0.49
CA LEU A 93 -26.78 -6.15 1.04
C LEU A 93 -28.09 -6.61 1.68
N GLY A 94 -28.96 -5.70 2.09
CA GLY A 94 -30.21 -6.12 2.71
C GLY A 94 -30.94 -4.93 3.30
N ALA A 95 -32.08 -5.22 3.92
CA ALA A 95 -32.85 -4.16 4.53
C ALA A 95 -33.64 -4.73 5.72
N CYS A 96 -33.94 -3.87 6.70
CA CYS A 96 -34.84 -4.21 7.80
C CYS A 96 -35.99 -3.19 7.76
N THR A 97 -37.14 -3.63 7.25
CA THR A 97 -38.32 -2.76 7.09
C THR A 97 -39.44 -3.14 8.03
N GLN A 98 -39.32 -4.27 8.71
CA GLN A 98 -40.32 -4.78 9.64
C GLN A 98 -39.77 -4.78 11.05
N ASP A 99 -40.67 -4.55 12.02
CA ASP A 99 -40.39 -4.79 13.43
C ASP A 99 -39.43 -3.75 14.02
N GLY A 100 -39.44 -2.53 13.50
CA GLY A 100 -38.67 -1.45 14.06
C GLY A 100 -38.32 -0.43 12.99
N PRO A 101 -37.37 0.46 13.28
CA PRO A 101 -37.05 1.54 12.34
C PRO A 101 -36.37 1.00 11.08
N LEU A 102 -36.53 1.74 9.99
CA LEU A 102 -35.96 1.33 8.71
C LEU A 102 -34.43 1.32 8.76
N TYR A 103 -33.85 0.18 8.40
CA TYR A 103 -32.41 0.04 8.15
C TYR A 103 -32.17 -0.33 6.70
N VAL A 104 -31.21 0.32 6.05
CA VAL A 104 -30.74 -0.11 4.73
C VAL A 104 -29.29 -0.55 4.90
N ILE A 105 -28.99 -1.79 4.55
CA ILE A 105 -27.68 -2.37 4.86
C ILE A 105 -26.85 -2.39 3.60
N VAL A 106 -25.64 -1.83 3.66
CA VAL A 106 -24.80 -1.73 2.49
C VAL A 106 -23.40 -2.20 2.85
N GLU A 107 -22.51 -2.26 1.85
CA GLU A 107 -21.17 -2.78 2.12
C GLU A 107 -20.36 -1.89 3.06
N TYR A 108 -19.51 -2.53 3.86
CA TYR A 108 -18.58 -1.88 4.77
C TYR A 108 -17.20 -1.77 4.10
N ALA A 109 -16.63 -0.58 4.11
CA ALA A 109 -15.35 -0.28 3.48
C ALA A 109 -14.46 0.23 4.60
N SER A 110 -13.62 -0.65 5.16
CA SER A 110 -13.03 -0.36 6.47
C SER A 110 -12.07 0.82 6.46
N LYS A 111 -11.46 1.14 5.32
CA LYS A 111 -10.48 2.21 5.30
C LYS A 111 -11.09 3.59 5.07
N GLY A 112 -12.42 3.69 4.94
CA GLY A 112 -13.03 5.00 4.92
C GLY A 112 -12.87 5.68 3.57
N ASN A 113 -13.17 6.97 3.54
CA ASN A 113 -13.27 7.66 2.26
C ASN A 113 -11.88 7.91 1.67
N LEU A 114 -11.86 8.02 0.35
CA LEU A 114 -10.60 8.09 -0.41
C LEU A 114 -9.80 9.35 -0.09
N ARG A 115 -10.46 10.50 0.13
CA ARG A 115 -9.66 11.70 0.44
C ARG A 115 -8.80 11.49 1.68
N GLU A 116 -9.40 11.02 2.77
CA GLU A 116 -8.60 10.86 3.99
C GLU A 116 -7.67 9.66 3.93
N TYR A 117 -8.01 8.65 3.14
CA TYR A 117 -7.13 7.51 2.92
C TYR A 117 -5.84 7.95 2.22
N LEU A 118 -5.96 8.82 1.22
CA LEU A 118 -4.77 9.32 0.53
C LEU A 118 -3.98 10.29 1.41
N GLN A 119 -4.67 11.16 2.16
CA GLN A 119 -3.98 12.14 3.00
C GLN A 119 -3.11 11.46 4.04
N ALA A 120 -3.58 10.33 4.59
CA ALA A 120 -2.83 9.61 5.61
C ALA A 120 -1.64 8.88 5.04
N ARG A 121 -1.53 8.79 3.72
CA ARG A 121 -0.42 8.12 3.06
C ARG A 121 0.49 9.11 2.34
N ARG A 122 0.38 10.38 2.65
CA ARG A 122 1.28 11.37 2.06
C ARG A 122 2.71 11.18 2.59
N PRO A 123 3.70 11.07 1.74
CA PRO A 123 5.08 11.10 2.21
C PRO A 123 5.50 12.53 2.50
N PRO A 124 6.61 12.73 3.25
CA PRO A 124 7.18 14.08 3.42
C PRO A 124 7.71 14.61 2.11
N GLY A 125 8.01 15.90 2.07
CA GLY A 125 8.75 16.45 0.96
C GLY A 125 7.94 17.44 0.13
N LEU A 126 8.51 17.82 -1.02
CA LEU A 126 8.02 18.99 -1.75
C LEU A 126 6.74 18.75 -2.56
N GLU A 127 6.45 17.51 -2.94
CA GLU A 127 5.39 17.31 -3.92
C GLU A 127 3.99 17.34 -3.31
N TYR A 128 3.84 17.20 -2.00
CA TYR A 128 2.52 17.13 -1.39
C TYR A 128 2.45 18.00 -0.14
N SER A 129 1.22 18.37 0.23
CA SER A 129 0.99 19.05 1.49
C SER A 129 1.29 18.08 2.63
N TYR A 130 1.27 18.60 3.85
CA TYR A 130 1.69 17.76 4.97
C TYR A 130 0.66 16.65 5.23
N ASN A 131 1.15 15.57 5.85
CA ASN A 131 0.32 14.43 6.26
C ASN A 131 -0.37 14.74 7.58
N PRO A 132 -1.69 14.85 7.61
CA PRO A 132 -2.40 15.26 8.83
C PRO A 132 -2.70 14.12 9.79
N SER A 133 -2.29 12.90 9.45
CA SER A 133 -2.72 11.75 10.21
C SER A 133 -1.75 11.49 11.35
N HIS A 134 -2.30 11.19 12.50
CA HIS A 134 -1.51 10.73 13.62
C HIS A 134 -1.28 9.23 13.56
N ASN A 135 -1.83 8.57 12.55
CA ASN A 135 -1.54 7.17 12.27
C ASN A 135 -1.22 7.05 10.79
N PRO A 136 -0.10 7.65 10.35
CA PRO A 136 0.21 7.65 8.93
C PRO A 136 0.51 6.23 8.47
N GLU A 137 0.26 5.99 7.19
CA GLU A 137 0.35 4.67 6.61
C GLU A 137 1.33 4.71 5.44
N GLU A 138 1.71 3.53 4.97
CA GLU A 138 2.73 3.42 3.93
C GLU A 138 2.25 4.09 2.64
N GLN A 139 3.17 4.82 2.02
CA GLN A 139 2.90 5.54 0.79
C GLN A 139 2.54 4.59 -0.34
N LEU A 140 1.64 5.04 -1.21
CA LEU A 140 1.27 4.27 -2.38
C LEU A 140 2.32 4.43 -3.48
N SER A 141 2.43 3.39 -4.33
CA SER A 141 3.24 3.50 -5.54
C SER A 141 2.49 4.29 -6.61
N SER A 142 3.23 4.72 -7.65
CA SER A 142 2.60 5.40 -8.78
C SER A 142 1.53 4.52 -9.41
N LYS A 143 1.82 3.22 -9.52
CA LYS A 143 0.86 2.29 -10.09
C LYS A 143 -0.41 2.19 -9.24
N ASP A 144 -0.25 2.10 -7.90
CA ASP A 144 -1.42 2.15 -7.02
C ASP A 144 -2.31 3.36 -7.30
N LEU A 145 -1.71 4.53 -7.48
CA LEU A 145 -2.52 5.74 -7.70
C LEU A 145 -3.30 5.66 -9.00
N VAL A 146 -2.65 5.22 -10.08
CA VAL A 146 -3.39 5.11 -11.34
C VAL A 146 -4.44 4.02 -11.22
N SER A 147 -4.14 2.96 -10.46
CA SER A 147 -5.14 1.92 -10.26
C SER A 147 -6.34 2.42 -9.46
N CYS A 148 -6.16 3.34 -8.50
CA CYS A 148 -7.32 3.97 -7.86
C CYS A 148 -8.22 4.63 -8.89
N ALA A 149 -7.61 5.38 -9.81
CA ALA A 149 -8.39 6.08 -10.85
C ALA A 149 -9.10 5.10 -11.76
N TYR A 150 -8.37 4.08 -12.21
CA TYR A 150 -8.95 3.01 -13.02
C TYR A 150 -10.18 2.39 -12.37
N GLN A 151 -10.08 2.03 -11.08
CA GLN A 151 -11.21 1.39 -10.40
C GLN A 151 -12.43 2.30 -10.33
N VAL A 152 -12.23 3.60 -10.05
CA VAL A 152 -13.37 4.51 -10.03
C VAL A 152 -13.98 4.63 -11.43
N ALA A 153 -13.13 4.73 -12.45
CA ALA A 153 -13.62 4.83 -13.83
C ALA A 153 -14.41 3.59 -14.22
N ARG A 154 -13.95 2.42 -13.79
CA ARG A 154 -14.67 1.18 -14.10
C ARG A 154 -16.04 1.16 -13.43
N GLY A 155 -16.10 1.59 -12.17
CA GLY A 155 -17.38 1.71 -11.49
C GLY A 155 -18.31 2.71 -12.18
N MET A 156 -17.76 3.83 -12.63
CA MET A 156 -18.60 4.83 -13.32
C MET A 156 -19.03 4.32 -14.68
N GLU A 157 -18.17 3.60 -15.39
CA GLU A 157 -18.57 2.98 -16.65
C GLU A 157 -19.76 2.05 -16.47
N TYR A 158 -19.73 1.25 -15.40
CA TYR A 158 -20.86 0.38 -15.09
C TYR A 158 -22.13 1.19 -14.81
N LEU A 159 -22.03 2.19 -13.93
CA LEU A 159 -23.19 3.00 -13.57
C LEU A 159 -23.76 3.70 -14.79
N ALA A 160 -22.90 4.26 -15.67
CA ALA A 160 -23.40 4.93 -16.87
C ALA A 160 -24.08 3.94 -17.81
N SER A 161 -23.57 2.70 -17.89
CA SER A 161 -24.22 1.68 -18.71
C SER A 161 -25.61 1.37 -18.19
N LYS A 162 -25.88 1.62 -16.91
CA LYS A 162 -27.21 1.43 -16.32
C LYS A 162 -28.02 2.72 -16.32
N LYS A 163 -27.52 3.77 -17.00
CA LYS A 163 -28.20 5.07 -17.11
C LYS A 163 -28.28 5.79 -15.77
N CYS A 164 -27.35 5.52 -14.88
CA CYS A 164 -27.30 6.16 -13.58
C CYS A 164 -26.32 7.34 -13.64
N ILE A 165 -26.80 8.54 -13.32
CA ILE A 165 -25.96 9.74 -13.22
C ILE A 165 -25.63 9.96 -11.76
N HIS A 166 -24.36 10.23 -11.43
CA HIS A 166 -24.00 10.38 -10.02
C HIS A 166 -24.32 11.78 -9.48
N ARG A 167 -23.84 12.82 -10.15
CA ARG A 167 -24.06 14.24 -9.86
C ARG A 167 -23.15 14.80 -8.75
N ASP A 168 -22.44 13.97 -7.99
CA ASP A 168 -21.49 14.53 -7.00
C ASP A 168 -20.29 13.59 -6.84
N LEU A 169 -19.65 13.24 -7.97
CA LEU A 169 -18.53 12.32 -7.93
C LEU A 169 -17.32 13.05 -7.38
N ALA A 170 -16.81 12.63 -6.23
CA ALA A 170 -15.74 13.36 -5.56
C ALA A 170 -15.04 12.35 -4.67
N ALA A 171 -13.77 12.62 -4.33
CA ALA A 171 -13.02 11.64 -3.53
C ALA A 171 -13.67 11.34 -2.19
N ARG A 172 -14.36 12.33 -1.59
CA ARG A 172 -15.07 12.03 -0.33
C ARG A 172 -16.22 11.04 -0.51
N ASN A 173 -16.71 10.82 -1.74
CA ASN A 173 -17.80 9.90 -2.02
C ASN A 173 -17.30 8.58 -2.59
N VAL A 174 -16.01 8.32 -2.46
CA VAL A 174 -15.43 7.02 -2.77
C VAL A 174 -14.90 6.44 -1.46
N LEU A 175 -15.28 5.19 -1.15
CA LEU A 175 -14.81 4.51 0.05
C LEU A 175 -13.82 3.42 -0.36
N VAL A 176 -12.93 3.05 0.58
CA VAL A 176 -11.88 2.08 0.32
C VAL A 176 -12.01 0.91 1.29
N THR A 177 -12.00 -0.32 0.75
CA THR A 177 -12.23 -1.49 1.59
C THR A 177 -10.93 -1.98 2.21
N GLU A 178 -11.06 -3.00 3.07
CA GLU A 178 -9.89 -3.65 3.69
C GLU A 178 -8.91 -4.15 2.65
N ASP A 179 -9.40 -4.59 1.49
CA ASP A 179 -8.53 -5.07 0.43
C ASP A 179 -8.15 -3.97 -0.57
N ASN A 180 -8.33 -2.70 -0.18
CA ASN A 180 -8.01 -1.53 -1.00
C ASN A 180 -8.80 -1.48 -2.31
N VAL A 181 -10.02 -2.01 -2.32
CA VAL A 181 -10.92 -1.84 -3.46
C VAL A 181 -11.60 -0.48 -3.34
N MET A 182 -11.61 0.29 -4.45
CA MET A 182 -12.37 1.55 -4.54
C MET A 182 -13.85 1.26 -4.75
N LYS A 183 -14.72 1.91 -3.97
CA LYS A 183 -16.17 1.70 -4.10
C LYS A 183 -16.88 3.05 -4.11
N ILE A 184 -17.61 3.33 -5.16
CA ILE A 184 -18.34 4.60 -5.30
C ILE A 184 -19.60 4.57 -4.43
N ALA A 185 -19.76 5.57 -3.57
CA ALA A 185 -20.97 5.74 -2.78
C ALA A 185 -21.92 6.77 -3.40
N ASP A 186 -23.17 6.74 -2.96
CA ASP A 186 -24.17 7.78 -3.24
C ASP A 186 -24.60 7.84 -4.70
N PHE A 187 -24.36 6.80 -5.49
CA PHE A 187 -24.79 6.85 -6.89
C PHE A 187 -26.31 6.72 -7.04
N GLY A 188 -27.00 6.13 -6.07
CA GLY A 188 -28.43 5.88 -6.20
C GLY A 188 -29.34 6.94 -5.61
N LEU A 189 -28.79 8.07 -5.15
CA LEU A 189 -29.58 9.07 -4.46
C LEU A 189 -30.56 9.73 -5.42
N ALA A 190 -31.79 9.93 -4.98
CA ALA A 190 -32.72 10.70 -5.80
C ALA A 190 -32.27 12.17 -5.85
N ARG A 191 -32.50 12.79 -7.01
CA ARG A 191 -32.14 14.19 -7.18
C ARG A 191 -33.10 15.11 -6.44
N ASP A 192 -32.55 16.10 -5.72
CA ASP A 192 -33.38 17.11 -5.06
C ASP A 192 -34.27 17.83 -6.08
N ILE A 193 -35.54 17.97 -5.73
CA ILE A 193 -36.50 18.72 -6.55
C ILE A 193 -36.42 20.22 -6.32
N HIS A 194 -35.68 20.66 -5.31
CA HIS A 194 -35.54 22.09 -4.98
C HIS A 194 -34.21 22.61 -5.50
N HIS A 195 -34.14 23.91 -5.73
CA HIS A 195 -32.86 24.52 -6.07
C HIS A 195 -31.87 24.36 -4.90
N ILE A 196 -30.60 24.32 -5.23
CA ILE A 196 -29.51 24.04 -4.29
C ILE A 196 -28.86 25.33 -3.84
N ASP A 197 -28.27 25.32 -2.64
CA ASP A 197 -27.45 26.43 -2.15
C ASP A 197 -26.00 26.16 -2.50
N TYR A 198 -25.45 26.93 -3.42
CA TYR A 198 -24.06 26.74 -3.84
C TYR A 198 -23.05 27.04 -2.73
N TYR A 199 -23.43 27.77 -1.69
CA TYR A 199 -22.43 28.19 -0.71
C TYR A 199 -22.58 27.43 0.61
N LYS A 200 -23.40 26.39 0.65
CA LYS A 200 -23.61 25.62 1.87
C LYS A 200 -22.67 24.41 1.88
N LYS A 201 -21.85 24.30 2.92
CA LYS A 201 -20.95 23.16 3.03
C LYS A 201 -21.69 21.90 3.43
N THR A 202 -21.16 20.75 3.00
CA THR A 202 -21.59 19.48 3.55
C THR A 202 -21.26 19.42 5.06
N THR A 203 -21.81 18.39 5.73
CA THR A 203 -21.51 18.15 7.13
C THR A 203 -20.02 17.90 7.36
N ASN A 204 -19.28 17.50 6.34
CA ASN A 204 -17.84 17.30 6.45
C ASN A 204 -17.04 18.48 5.90
N GLY A 205 -17.68 19.63 5.66
CA GLY A 205 -16.97 20.85 5.31
C GLY A 205 -16.67 21.04 3.84
N ARG A 206 -17.23 20.21 2.96
CA ARG A 206 -16.90 20.26 1.55
C ARG A 206 -17.87 21.17 0.80
N LEU A 207 -17.38 21.82 -0.27
CA LEU A 207 -18.23 22.64 -1.14
C LEU A 207 -18.44 21.91 -2.47
N PRO A 208 -19.56 21.21 -2.67
CA PRO A 208 -19.75 20.40 -3.89
C PRO A 208 -19.75 21.20 -5.19
N VAL A 209 -19.96 22.51 -5.13
CA VAL A 209 -19.85 23.34 -6.33
C VAL A 209 -18.50 23.14 -7.03
N LYS A 210 -17.44 22.78 -6.27
CA LYS A 210 -16.13 22.66 -6.93
C LYS A 210 -16.01 21.42 -7.82
N TRP A 211 -16.95 20.48 -7.77
CA TRP A 211 -16.95 19.33 -8.68
C TRP A 211 -17.94 19.49 -9.84
N MET A 212 -18.69 20.58 -9.89
CA MET A 212 -19.75 20.79 -10.88
C MET A 212 -19.21 21.23 -12.25
N ALA A 213 -19.57 20.49 -13.30
CA ALA A 213 -19.31 20.95 -14.66
C ALA A 213 -19.96 22.32 -14.90
N PRO A 214 -19.43 23.12 -15.81
CA PRO A 214 -19.99 24.48 -16.00
C PRO A 214 -21.47 24.47 -16.39
N GLU A 215 -21.94 23.48 -17.16
CA GLU A 215 -23.37 23.47 -17.49
C GLU A 215 -24.25 23.11 -16.28
N ALA A 216 -23.68 22.41 -15.28
CA ALA A 216 -24.39 22.18 -14.04
C ALA A 216 -24.36 23.41 -13.13
N LEU A 217 -23.20 24.09 -13.07
CA LEU A 217 -23.11 25.36 -12.36
C LEU A 217 -24.09 26.39 -12.89
N PHE A 218 -24.08 26.58 -14.21
CA PHE A 218 -24.80 27.67 -14.85
C PHE A 218 -26.28 27.35 -15.01
N ASP A 219 -26.59 26.13 -15.47
CA ASP A 219 -27.95 25.79 -15.89
C ASP A 219 -28.53 24.57 -15.19
N ARG A 220 -27.83 23.99 -14.20
CA ARG A 220 -28.32 22.84 -13.45
C ARG A 220 -28.55 21.63 -14.37
N ILE A 221 -27.78 21.51 -15.44
CA ILE A 221 -27.87 20.36 -16.35
C ILE A 221 -26.83 19.33 -15.94
N TYR A 222 -27.28 18.13 -15.61
CA TYR A 222 -26.37 17.04 -15.26
C TYR A 222 -26.57 15.90 -16.24
N THR A 223 -25.48 15.42 -16.85
CA THR A 223 -25.53 14.28 -17.78
C THR A 223 -24.39 13.35 -17.42
N HIS A 224 -24.21 12.25 -18.17
CA HIS A 224 -22.98 11.47 -17.96
C HIS A 224 -21.75 12.32 -18.26
N GLN A 225 -21.87 13.30 -19.19
CA GLN A 225 -20.74 14.17 -19.52
C GLN A 225 -20.34 15.03 -18.33
N SER A 226 -21.31 15.48 -17.52
CA SER A 226 -20.91 16.28 -16.37
C SER A 226 -20.28 15.41 -15.28
N ASP A 227 -20.64 14.14 -15.23
CA ASP A 227 -19.94 13.23 -14.33
C ASP A 227 -18.48 13.06 -14.77
N VAL A 228 -18.22 13.03 -16.07
CA VAL A 228 -16.83 12.97 -16.54
C VAL A 228 -16.04 14.21 -16.11
N TRP A 229 -16.66 15.40 -16.19
CA TRP A 229 -15.99 16.59 -15.63
C TRP A 229 -15.58 16.37 -14.17
N SER A 230 -16.54 15.92 -13.35
CA SER A 230 -16.23 15.65 -11.95
C SER A 230 -15.13 14.63 -11.81
N PHE A 231 -15.14 13.59 -12.64
CA PHE A 231 -14.07 12.61 -12.60
C PHE A 231 -12.70 13.26 -12.83
N GLY A 232 -12.64 14.28 -13.70
CA GLY A 232 -11.39 15.01 -13.84
C GLY A 232 -10.96 15.69 -12.54
N VAL A 233 -11.90 16.28 -11.81
CA VAL A 233 -11.56 16.85 -10.51
C VAL A 233 -11.08 15.76 -9.58
N LEU A 234 -11.76 14.59 -9.60
CA LEU A 234 -11.34 13.48 -8.75
C LEU A 234 -9.94 13.01 -9.13
N LEU A 235 -9.60 13.02 -10.43
CA LEU A 235 -8.22 12.70 -10.80
C LEU A 235 -7.24 13.66 -10.15
N TRP A 236 -7.55 14.95 -10.18
CA TRP A 236 -6.67 15.93 -9.54
C TRP A 236 -6.56 15.67 -8.04
N GLU A 237 -7.68 15.31 -7.39
CA GLU A 237 -7.65 14.92 -5.97
C GLU A 237 -6.73 13.75 -5.72
N ILE A 238 -6.77 12.74 -6.59
CA ILE A 238 -5.91 11.57 -6.41
C ILE A 238 -4.44 11.95 -6.48
N PHE A 239 -4.04 12.75 -7.50
CA PHE A 239 -2.61 13.00 -7.69
C PHE A 239 -2.07 14.11 -6.79
N THR A 240 -2.93 14.80 -6.05
CA THR A 240 -2.51 15.64 -4.93
C THR A 240 -2.64 14.90 -3.60
N LEU A 241 -2.90 13.59 -3.64
CA LEU A 241 -3.13 12.75 -2.45
C LEU A 241 -4.13 13.39 -1.50
N GLY A 242 -5.31 13.71 -2.04
CA GLY A 242 -6.35 14.30 -1.21
C GLY A 242 -6.39 15.80 -1.12
N GLY A 243 -5.90 16.52 -2.15
CA GLY A 243 -5.90 17.97 -2.10
C GLY A 243 -7.30 18.54 -2.30
N SER A 244 -7.41 19.83 -2.00
CA SER A 244 -8.66 20.59 -2.05
C SER A 244 -8.71 21.40 -3.33
N PRO A 245 -9.70 21.18 -4.21
CA PRO A 245 -9.65 21.81 -5.53
C PRO A 245 -9.67 23.35 -5.48
N TYR A 246 -9.12 23.95 -6.53
CA TYR A 246 -9.07 25.39 -6.74
C TYR A 246 -8.50 26.15 -5.53
N PRO A 247 -7.27 25.84 -5.13
CA PRO A 247 -6.73 26.44 -3.90
C PRO A 247 -6.68 27.95 -4.02
N GLY A 248 -7.20 28.61 -2.98
CA GLY A 248 -7.21 30.05 -2.93
C GLY A 248 -8.32 30.73 -3.69
N VAL A 249 -9.19 29.98 -4.36
CA VAL A 249 -10.20 30.55 -5.26
C VAL A 249 -11.51 30.66 -4.50
N PRO A 250 -12.06 31.88 -4.31
CA PRO A 250 -13.40 31.97 -3.70
C PRO A 250 -14.47 31.39 -4.64
N VAL A 251 -15.41 30.67 -4.04
CA VAL A 251 -16.42 29.93 -4.80
C VAL A 251 -17.30 30.84 -5.66
N GLU A 252 -17.58 32.07 -5.20
CA GLU A 252 -18.38 32.98 -6.02
C GLU A 252 -17.68 33.36 -7.32
N GLU A 253 -16.36 33.13 -7.40
CA GLU A 253 -15.60 33.47 -8.59
C GLU A 253 -15.46 32.32 -9.55
N LEU A 254 -15.90 31.11 -9.18
CA LEU A 254 -15.49 29.92 -9.92
C LEU A 254 -16.08 29.90 -11.33
N PHE A 255 -17.37 30.24 -11.49
CA PHE A 255 -17.95 30.12 -12.83
C PHE A 255 -17.34 31.12 -13.80
N LYS A 256 -17.13 32.36 -13.34
CA LYS A 256 -16.43 33.34 -14.17
C LYS A 256 -15.09 32.80 -14.63
N LEU A 257 -14.30 32.23 -13.71
CA LEU A 257 -12.97 31.75 -14.10
C LEU A 257 -13.08 30.57 -15.07
N LEU A 258 -13.96 29.60 -14.76
CA LEU A 258 -14.13 28.46 -15.67
C LEU A 258 -14.58 28.91 -17.05
N LYS A 259 -15.58 29.80 -17.08
CA LYS A 259 -16.07 30.36 -18.33
C LYS A 259 -14.97 31.04 -19.13
N GLU A 260 -14.02 31.70 -18.46
CA GLU A 260 -12.89 32.29 -19.16
C GLU A 260 -11.81 31.29 -19.51
N GLY A 261 -11.98 29.99 -19.18
CA GLY A 261 -10.99 29.01 -19.52
C GLY A 261 -9.99 28.65 -18.44
N HIS A 262 -10.14 29.17 -17.22
CA HIS A 262 -9.27 28.74 -16.12
C HIS A 262 -9.48 27.26 -15.85
N ARG A 263 -8.37 26.53 -15.65
CA ARG A 263 -8.44 25.15 -15.19
C ARG A 263 -7.34 24.97 -14.17
N MET A 264 -7.52 24.01 -13.27
CA MET A 264 -6.48 23.76 -12.26
C MET A 264 -5.17 23.41 -12.93
N ASP A 265 -4.08 23.86 -12.32
CA ASP A 265 -2.74 23.53 -12.79
C ASP A 265 -2.41 22.07 -12.50
N LYS A 266 -1.44 21.56 -13.24
CA LYS A 266 -1.02 20.18 -13.01
C LYS A 266 -0.42 20.01 -11.62
N PRO A 267 -0.81 18.95 -10.87
CA PRO A 267 -0.12 18.66 -9.61
C PRO A 267 1.37 18.34 -9.80
N SER A 268 2.19 18.67 -8.79
CA SER A 268 3.65 18.54 -8.97
C SER A 268 4.06 17.13 -9.40
N ASN A 269 3.40 16.11 -8.87
CA ASN A 269 3.75 14.72 -9.12
C ASN A 269 2.59 14.15 -9.95
N CYS A 270 2.68 14.34 -11.26
CA CYS A 270 1.62 13.94 -12.17
C CYS A 270 2.23 13.92 -13.55
N THR A 271 1.98 12.86 -14.32
CA THR A 271 2.58 12.81 -15.66
C THR A 271 1.84 13.76 -16.59
N ASN A 272 2.54 14.15 -17.67
CA ASN A 272 1.88 14.95 -18.70
C ASN A 272 0.65 14.24 -19.23
N GLU A 273 0.74 12.91 -19.40
CA GLU A 273 -0.35 12.13 -19.95
C GLU A 273 -1.59 12.18 -19.05
N LEU A 274 -1.40 12.02 -17.73
CA LEU A 274 -2.54 12.05 -16.83
C LEU A 274 -3.09 13.47 -16.70
N TYR A 275 -2.23 14.49 -16.79
CA TYR A 275 -2.75 15.85 -16.79
C TYR A 275 -3.54 16.12 -18.06
N MET A 276 -3.11 15.57 -19.20
CA MET A 276 -3.89 15.77 -20.42
C MET A 276 -5.26 15.11 -20.27
N MET A 277 -5.32 13.97 -19.59
CA MET A 277 -6.61 13.30 -19.40
C MET A 277 -7.56 14.16 -18.55
N MET A 278 -7.03 14.70 -17.45
CA MET A 278 -7.75 15.68 -16.62
C MET A 278 -8.30 16.84 -17.45
N ARG A 279 -7.44 17.47 -18.26
CA ARG A 279 -7.88 18.59 -19.08
C ARG A 279 -8.93 18.18 -20.10
N ASP A 280 -8.83 16.97 -20.65
CA ASP A 280 -9.86 16.51 -21.59
C ASP A 280 -11.22 16.33 -20.90
N CYS A 281 -11.21 15.78 -19.68
CA CYS A 281 -12.43 15.71 -18.88
C CYS A 281 -13.01 17.10 -18.62
N TRP A 282 -12.18 18.15 -18.58
CA TRP A 282 -12.65 19.51 -18.36
C TRP A 282 -12.85 20.28 -19.66
N HIS A 283 -13.12 19.61 -20.77
CA HIS A 283 -13.50 20.34 -21.96
C HIS A 283 -14.72 21.19 -21.68
N ALA A 284 -14.68 22.45 -22.14
CA ALA A 284 -15.83 23.31 -21.98
C ALA A 284 -17.08 22.70 -22.59
N VAL A 285 -16.93 21.99 -23.70
CA VAL A 285 -18.08 21.51 -24.47
C VAL A 285 -18.37 20.08 -24.03
N PRO A 286 -19.55 19.79 -23.46
CA PRO A 286 -19.82 18.44 -22.94
C PRO A 286 -19.61 17.32 -23.95
N SER A 287 -20.02 17.51 -25.21
CA SER A 287 -19.87 16.47 -26.24
C SER A 287 -18.42 16.14 -26.53
N GLN A 288 -17.48 17.00 -26.14
CA GLN A 288 -16.10 16.79 -26.53
C GLN A 288 -15.28 16.10 -25.43
N ARG A 289 -15.84 15.90 -24.25
CA ARG A 289 -15.17 15.14 -23.20
C ARG A 289 -15.11 13.66 -23.58
N PRO A 290 -14.13 12.93 -23.05
CA PRO A 290 -14.13 11.48 -23.22
C PRO A 290 -15.30 10.85 -22.48
N THR A 291 -15.66 9.65 -22.90
CA THR A 291 -16.64 8.85 -22.15
C THR A 291 -15.93 8.02 -21.08
N PHE A 292 -16.71 7.50 -20.13
CA PHE A 292 -16.13 6.58 -19.16
C PHE A 292 -15.57 5.32 -19.83
N LYS A 293 -16.24 4.78 -20.86
CA LYS A 293 -15.64 3.65 -21.59
C LYS A 293 -14.22 3.97 -22.09
N GLN A 294 -14.04 5.16 -22.65
CA GLN A 294 -12.71 5.56 -23.13
C GLN A 294 -11.73 5.77 -21.98
N LEU A 295 -12.16 6.42 -20.89
CA LEU A 295 -11.28 6.60 -19.74
C LEU A 295 -10.82 5.25 -19.19
N VAL A 296 -11.73 4.26 -19.13
CA VAL A 296 -11.37 2.93 -18.64
C VAL A 296 -10.29 2.29 -19.51
N GLU A 297 -10.47 2.32 -20.83
CA GLU A 297 -9.46 1.75 -21.73
C GLU A 297 -8.12 2.45 -21.61
N ASP A 298 -8.11 3.77 -21.59
CA ASP A 298 -6.83 4.47 -21.48
C ASP A 298 -6.19 4.22 -20.12
N LEU A 299 -6.96 4.28 -19.04
CA LEU A 299 -6.35 4.04 -17.73
C LEU A 299 -5.86 2.60 -17.59
N ASP A 300 -6.54 1.64 -18.22
CA ASP A 300 -6.06 0.26 -18.15
C ASP A 300 -4.66 0.15 -18.76
N ARG A 301 -4.47 0.80 -19.91
CA ARG A 301 -3.15 0.83 -20.55
C ARG A 301 -2.13 1.54 -19.67
N ILE A 302 -2.51 2.68 -19.09
CA ILE A 302 -1.57 3.45 -18.28
C ILE A 302 -1.16 2.70 -17.03
N VAL A 303 -2.11 2.02 -16.37
CA VAL A 303 -1.78 1.17 -15.22
C VAL A 303 -0.72 0.15 -15.59
N ALA A 304 -0.93 -0.56 -16.71
CA ALA A 304 0.04 -1.56 -17.14
C ALA A 304 1.44 -0.97 -17.30
N LEU A 305 1.54 0.27 -17.76
CA LEU A 305 2.85 0.87 -18.05
C LEU A 305 3.44 1.68 -16.90
N THR A 306 2.74 1.80 -15.79
CA THR A 306 3.21 2.65 -14.70
C THR A 306 3.95 1.78 -13.67
N SER A 307 5.10 2.27 -13.22
CA SER A 307 5.94 1.50 -12.30
C SER A 307 5.31 1.39 -10.91
N ASN A 308 5.40 0.20 -10.31
CA ASN A 308 5.14 0.10 -8.87
C ASN A 308 6.44 0.14 -8.05
N GLN A 309 7.55 0.57 -8.65
CA GLN A 309 8.83 0.71 -7.95
C GLN A 309 9.01 2.06 -7.27
N GLY B 1 -2.36 -5.47 24.92
CA GLY B 1 -1.04 -4.99 24.57
C GLY B 1 -0.73 -5.27 23.11
N PRO B 2 0.48 -4.91 22.67
CA PRO B 2 0.79 -4.98 21.23
C PRO B 2 0.86 -6.38 20.65
N ALA B 3 1.01 -7.42 21.47
CA ALA B 3 0.94 -8.79 20.95
C ALA B 3 -0.45 -9.42 21.09
N GLY B 4 -1.44 -8.70 21.62
CA GLY B 4 -2.79 -9.24 21.68
C GLY B 4 -2.87 -10.55 22.43
N VAL B 5 -3.56 -11.54 21.87
CA VAL B 5 -3.73 -12.83 22.56
C VAL B 5 -2.40 -13.52 22.80
N SER B 6 -1.38 -13.20 22.00
CA SER B 6 -0.08 -13.84 22.10
C SER B 6 0.63 -13.51 23.39
N GLU B 7 0.10 -12.55 24.17
CA GLU B 7 0.68 -12.33 25.49
C GLU B 7 0.65 -13.62 26.31
N TYR B 8 -0.35 -14.47 26.10
CA TYR B 8 -0.53 -15.73 26.81
C TYR B 8 -0.46 -16.96 25.92
N GLU B 9 -0.87 -16.86 24.65
CA GLU B 9 -0.91 -18.04 23.79
C GLU B 9 -0.86 -17.56 22.35
N LEU B 10 0.22 -17.89 21.64
CA LEU B 10 0.30 -17.53 20.20
C LEU B 10 -0.70 -18.34 19.37
N PRO B 11 -1.28 -17.77 18.32
CA PRO B 11 -2.12 -18.59 17.42
C PRO B 11 -1.32 -19.72 16.79
N GLU B 12 -1.99 -20.84 16.58
CA GLU B 12 -1.36 -22.00 15.93
C GLU B 12 -1.33 -21.81 14.42
N ASP B 13 -0.25 -22.33 13.80
CA ASP B 13 -0.16 -22.45 12.35
C ASP B 13 0.51 -23.80 12.08
N PRO B 14 -0.27 -24.88 12.00
CA PRO B 14 0.34 -26.21 11.83
C PRO B 14 1.14 -26.38 10.54
N ARG B 15 0.88 -25.58 9.51
CA ARG B 15 1.75 -25.59 8.32
C ARG B 15 3.22 -25.42 8.67
N TRP B 16 3.53 -24.65 9.73
CA TRP B 16 4.92 -24.27 10.00
C TRP B 16 5.44 -24.76 11.35
N GLU B 17 4.63 -25.43 12.16
CA GLU B 17 5.02 -25.71 13.54
C GLU B 17 5.96 -26.90 13.61
N LEU B 18 7.13 -26.71 14.23
CA LEU B 18 8.04 -27.81 14.48
C LEU B 18 7.98 -28.21 15.94
N PRO B 19 7.80 -29.49 16.25
CA PRO B 19 7.86 -29.93 17.65
C PRO B 19 9.21 -29.59 18.28
N ARG B 20 9.19 -29.08 19.52
CA ARG B 20 10.46 -28.70 20.14
C ARG B 20 11.40 -29.88 20.31
N ASP B 21 10.86 -31.10 20.41
CA ASP B 21 11.78 -32.20 20.60
C ASP B 21 12.53 -32.56 19.33
N ARG B 22 12.20 -31.95 18.19
CA ARG B 22 12.98 -32.17 16.98
C ARG B 22 14.00 -31.05 16.72
N LEU B 23 14.32 -30.26 17.73
CA LEU B 23 15.24 -29.15 17.58
C LEU B 23 16.22 -29.19 18.73
N VAL B 24 17.52 -29.13 18.42
CA VAL B 24 18.57 -29.13 19.43
C VAL B 24 19.37 -27.85 19.26
N LEU B 25 19.31 -26.99 20.26
CA LEU B 25 19.97 -25.69 20.12
C LEU B 25 21.46 -25.82 20.40
N GLY B 26 22.26 -25.02 19.69
CA GLY B 26 23.70 -25.06 19.86
C GLY B 26 24.30 -23.69 20.14
N LYS B 27 25.45 -23.44 19.53
CA LYS B 27 26.23 -22.24 19.82
C LYS B 27 25.52 -20.98 19.31
N PRO B 28 25.73 -19.84 19.97
CA PRO B 28 25.16 -18.60 19.46
C PRO B 28 25.81 -18.19 18.15
N LEU B 29 25.00 -17.57 17.29
CA LEU B 29 25.44 -17.07 16.00
C LEU B 29 25.57 -15.57 16.01
N GLY B 30 25.17 -14.92 17.10
CA GLY B 30 25.28 -13.50 17.22
C GLY B 30 24.02 -12.93 17.82
N GLU B 31 24.11 -11.68 18.24
CA GLU B 31 22.97 -10.95 18.76
C GLU B 31 22.24 -10.26 17.62
N GLY B 32 20.93 -10.41 17.59
CA GLY B 32 20.09 -9.68 16.66
C GLY B 32 19.59 -8.41 17.30
N CYS B 33 18.70 -7.75 16.59
CA CYS B 33 18.07 -6.56 17.14
C CYS B 33 17.06 -6.73 18.26
N PHE B 34 15.93 -7.34 17.94
CA PHE B 34 14.96 -7.77 18.94
C PHE B 34 15.13 -9.17 19.53
N GLY B 35 16.37 -9.65 19.53
CA GLY B 35 16.65 -10.91 20.16
C GLY B 35 18.07 -11.39 19.93
N GLN B 36 18.22 -12.70 19.74
CA GLN B 36 19.52 -13.33 19.51
C GLN B 36 19.29 -14.49 18.55
N VAL B 37 20.37 -15.04 17.99
CA VAL B 37 20.27 -16.10 17.00
C VAL B 37 21.23 -17.21 17.38
N VAL B 38 20.76 -18.47 17.35
CA VAL B 38 21.58 -19.62 17.72
C VAL B 38 21.60 -20.65 16.60
N LEU B 39 22.74 -21.32 16.46
CA LEU B 39 22.84 -22.47 15.58
C LEU B 39 22.13 -23.66 16.20
N ALA B 40 21.41 -24.43 15.38
CA ALA B 40 20.67 -25.57 15.89
C ALA B 40 20.65 -26.66 14.83
N GLU B 41 20.31 -27.87 15.26
CA GLU B 41 20.03 -28.96 14.33
C GLU B 41 18.55 -29.29 14.44
N ALA B 42 17.88 -29.45 13.30
CA ALA B 42 16.47 -29.78 13.26
C ALA B 42 16.34 -31.09 12.48
N ILE B 43 15.42 -31.95 12.89
CA ILE B 43 15.17 -33.17 12.14
C ILE B 43 13.73 -33.10 11.63
N GLY B 44 13.54 -33.36 10.35
CA GLY B 44 12.21 -33.41 9.80
C GLY B 44 11.58 -32.04 9.63
N LEU B 45 12.34 -31.08 9.08
CA LEU B 45 11.74 -29.80 8.73
C LEU B 45 10.71 -29.92 7.60
N ASP B 46 10.93 -30.83 6.64
CA ASP B 46 10.10 -30.93 5.45
C ASP B 46 9.41 -32.29 5.37
N LYS B 47 8.16 -32.26 4.87
CA LYS B 47 7.35 -33.47 4.76
C LYS B 47 8.04 -34.55 3.92
N ASP B 48 8.74 -34.15 2.87
CA ASP B 48 9.34 -35.13 1.96
C ASP B 48 10.64 -35.72 2.49
N LYS B 49 11.22 -35.17 3.56
CA LYS B 49 12.44 -35.71 4.16
C LYS B 49 12.24 -35.70 5.67
N PRO B 50 11.32 -36.51 6.17
CA PRO B 50 11.01 -36.45 7.60
C PRO B 50 12.15 -36.89 8.52
N ASN B 51 13.19 -37.57 8.01
CA ASN B 51 14.29 -38.05 8.86
C ASN B 51 15.58 -37.28 8.68
N ARG B 52 15.58 -36.29 7.80
CA ARG B 52 16.79 -35.52 7.53
C ARG B 52 17.12 -34.58 8.66
N VAL B 53 18.40 -34.57 9.09
CA VAL B 53 18.93 -33.63 10.07
C VAL B 53 19.56 -32.46 9.33
N THR B 54 19.13 -31.22 9.66
CA THR B 54 19.54 -30.00 8.95
C THR B 54 20.09 -29.00 9.95
N LYS B 55 21.24 -28.38 9.65
CA LYS B 55 21.67 -27.23 10.47
C LYS B 55 20.84 -26.01 10.11
N VAL B 56 20.35 -25.28 11.12
CA VAL B 56 19.46 -24.12 10.90
C VAL B 56 19.89 -23.02 11.85
N ALA B 57 19.35 -21.82 11.62
CA ALA B 57 19.57 -20.71 12.53
C ALA B 57 18.25 -20.36 13.20
N VAL B 58 18.28 -20.12 14.51
CA VAL B 58 17.05 -19.96 15.27
C VAL B 58 17.03 -18.57 15.86
N LYS B 59 16.03 -17.79 15.49
CA LYS B 59 15.81 -16.46 16.04
C LYS B 59 14.90 -16.55 17.26
N MET B 60 15.25 -15.85 18.33
CA MET B 60 14.41 -15.91 19.53
C MET B 60 14.53 -14.59 20.26
N LEU B 61 13.63 -14.36 21.22
CA LEU B 61 13.70 -13.17 22.03
C LEU B 61 14.75 -13.34 23.14
N LYS B 62 15.31 -12.22 23.58
CA LYS B 62 16.11 -12.26 24.78
C LYS B 62 15.20 -12.10 25.99
N SER B 63 15.71 -12.47 27.16
CA SER B 63 14.84 -12.54 28.33
C SER B 63 14.39 -11.18 28.83
N ASP B 64 15.01 -10.07 28.40
CA ASP B 64 14.48 -8.76 28.76
C ASP B 64 13.57 -8.19 27.68
N ALA B 65 13.10 -9.01 26.74
CA ALA B 65 12.20 -8.50 25.71
C ALA B 65 10.88 -8.03 26.31
N THR B 66 10.30 -7.03 25.67
CA THR B 66 8.97 -6.54 25.99
C THR B 66 7.91 -7.20 25.09
N GLU B 67 6.64 -6.95 25.43
CA GLU B 67 5.57 -7.44 24.56
C GLU B 67 5.66 -6.84 23.15
N LYS B 68 6.04 -5.57 23.03
CA LYS B 68 6.32 -4.99 21.72
C LYS B 68 7.42 -5.77 20.98
N ASP B 69 8.47 -6.17 21.69
CA ASP B 69 9.49 -6.98 21.03
C ASP B 69 8.88 -8.28 20.50
N LEU B 70 7.97 -8.89 21.26
CA LEU B 70 7.36 -10.13 20.80
C LEU B 70 6.50 -9.89 19.56
N SER B 71 5.73 -8.79 19.53
CA SER B 71 4.88 -8.56 18.36
C SER B 71 5.72 -8.33 17.10
N ASP B 72 6.89 -7.72 17.26
CA ASP B 72 7.76 -7.43 16.12
C ASP B 72 8.35 -8.72 15.55
N LEU B 73 8.77 -9.64 16.42
CA LEU B 73 9.25 -10.94 15.95
C LEU B 73 8.14 -11.75 15.29
N ILE B 74 6.94 -11.78 15.91
CA ILE B 74 5.78 -12.37 15.26
C ILE B 74 5.54 -11.73 13.89
N SER B 75 5.64 -10.39 13.81
CA SER B 75 5.37 -9.71 12.54
C SER B 75 6.36 -10.12 11.46
N GLU B 76 7.63 -10.22 11.83
CA GLU B 76 8.66 -10.66 10.88
C GLU B 76 8.40 -12.08 10.41
N MET B 77 8.01 -12.98 11.31
CA MET B 77 7.68 -14.33 10.90
C MET B 77 6.50 -14.35 9.93
N GLU B 78 5.45 -13.57 10.22
CA GLU B 78 4.27 -13.52 9.36
C GLU B 78 4.61 -12.91 8.00
N MET B 79 5.46 -11.89 8.00
CA MET B 79 5.97 -11.31 6.75
C MET B 79 6.69 -12.37 5.90
N MET B 80 7.59 -13.14 6.52
CA MET B 80 8.30 -14.18 5.79
C MET B 80 7.36 -15.19 5.17
N LYS B 81 6.28 -15.55 5.88
CA LYS B 81 5.29 -16.46 5.30
C LYS B 81 4.67 -15.86 4.04
N MET B 82 4.30 -14.59 4.09
CA MET B 82 3.64 -13.98 2.94
C MET B 82 4.59 -13.80 1.76
N ILE B 83 5.87 -13.49 2.04
CA ILE B 83 6.82 -13.26 0.96
C ILE B 83 7.13 -14.54 0.19
N GLY B 84 7.19 -15.68 0.88
CA GLY B 84 7.47 -16.94 0.22
C GLY B 84 8.96 -17.09 -0.03
N LYS B 85 9.30 -18.21 -0.68
CA LYS B 85 10.69 -18.68 -0.76
C LYS B 85 11.40 -18.23 -2.02
N HIS B 86 12.69 -17.93 -1.90
CA HIS B 86 13.54 -17.63 -3.05
C HIS B 86 14.98 -18.03 -2.70
N LYS B 87 15.73 -18.47 -3.73
CA LYS B 87 17.10 -18.95 -3.50
C LYS B 87 17.97 -17.89 -2.83
N ASN B 88 17.76 -16.62 -3.15
CA ASN B 88 18.70 -15.57 -2.77
C ASN B 88 18.21 -14.74 -1.59
N ILE B 89 17.32 -15.30 -0.74
CA ILE B 89 16.96 -14.71 0.53
C ILE B 89 17.11 -15.75 1.62
N ILE B 90 17.25 -15.29 2.86
CA ILE B 90 17.25 -16.19 4.00
C ILE B 90 15.80 -16.62 4.23
N ASN B 91 15.51 -17.91 4.06
CA ASN B 91 14.13 -18.39 4.08
C ASN B 91 13.65 -18.87 5.44
N LEU B 92 12.34 -18.72 5.68
CA LEU B 92 11.70 -19.31 6.85
C LEU B 92 11.59 -20.82 6.67
N LEU B 93 12.00 -21.57 7.68
CA LEU B 93 11.94 -23.02 7.62
C LEU B 93 10.92 -23.63 8.57
N GLY B 94 10.57 -22.93 9.66
CA GLY B 94 9.58 -23.44 10.59
C GLY B 94 9.58 -22.58 11.84
N ALA B 95 8.74 -22.97 12.81
CA ALA B 95 8.64 -22.18 14.03
C ALA B 95 8.24 -23.07 15.19
N CYS B 96 8.69 -22.71 16.39
CA CYS B 96 8.10 -23.25 17.62
C CYS B 96 7.34 -22.10 18.28
N THR B 97 6.01 -22.17 18.27
CA THR B 97 5.20 -21.07 18.78
C THR B 97 4.38 -21.43 20.01
N GLN B 98 4.15 -22.71 20.26
CA GLN B 98 3.28 -23.21 21.33
C GLN B 98 4.09 -23.64 22.56
N ASP B 99 3.49 -23.45 23.74
CA ASP B 99 4.01 -24.01 25.00
C ASP B 99 5.48 -23.70 25.20
N GLY B 100 5.84 -22.41 25.13
CA GLY B 100 7.20 -22.00 25.38
C GLY B 100 7.62 -20.82 24.49
N PRO B 101 8.88 -20.41 24.62
CA PRO B 101 9.39 -19.25 23.87
C PRO B 101 9.25 -19.44 22.36
N LEU B 102 8.99 -18.32 21.67
CA LEU B 102 8.93 -18.31 20.20
C LEU B 102 10.31 -18.51 19.60
N TYR B 103 10.44 -19.56 18.77
CA TYR B 103 11.64 -19.83 17.98
C TYR B 103 11.26 -19.65 16.52
N VAL B 104 11.98 -18.83 15.80
CA VAL B 104 11.73 -18.62 14.37
C VAL B 104 12.93 -19.21 13.65
N ILE B 105 12.68 -20.27 12.88
CA ILE B 105 13.75 -21.10 12.34
C ILE B 105 14.00 -20.68 10.90
N VAL B 106 15.23 -20.25 10.60
CA VAL B 106 15.58 -19.76 9.28
C VAL B 106 16.82 -20.48 8.78
N GLU B 107 17.13 -20.24 7.51
CA GLU B 107 18.28 -20.89 6.91
C GLU B 107 19.60 -20.46 7.54
N TYR B 108 20.52 -21.42 7.59
CA TYR B 108 21.89 -21.23 8.10
C TYR B 108 22.84 -21.03 6.92
N ALA B 109 23.62 -19.94 6.97
CA ALA B 109 24.58 -19.59 5.92
C ALA B 109 25.97 -19.65 6.54
N SER B 110 26.72 -20.71 6.26
CA SER B 110 27.86 -21.06 7.11
C SER B 110 29.07 -20.13 6.89
N LYS B 111 29.13 -19.37 5.80
CA LYS B 111 30.27 -18.49 5.58
C LYS B 111 30.05 -17.09 6.11
N GLY B 112 28.91 -16.80 6.75
CA GLY B 112 28.73 -15.51 7.39
C GLY B 112 28.35 -14.43 6.40
N ASN B 113 28.51 -13.18 6.83
CA ASN B 113 28.05 -12.05 6.01
C ASN B 113 29.03 -11.73 4.88
N LEU B 114 28.49 -11.15 3.81
CA LEU B 114 29.26 -10.92 2.60
C LEU B 114 30.41 -9.95 2.83
N ARG B 115 30.25 -8.96 3.71
CA ARG B 115 31.35 -8.01 3.93
C ARG B 115 32.60 -8.73 4.43
N GLU B 116 32.44 -9.58 5.44
CA GLU B 116 33.57 -10.32 5.98
C GLU B 116 34.08 -11.37 5.00
N TYR B 117 33.17 -11.99 4.24
CA TYR B 117 33.56 -12.92 3.20
C TYR B 117 34.47 -12.25 2.16
N LEU B 118 34.10 -11.06 1.73
CA LEU B 118 34.93 -10.36 0.74
C LEU B 118 36.27 -9.96 1.33
N GLN B 119 36.27 -9.42 2.55
CA GLN B 119 37.50 -8.94 3.18
C GLN B 119 38.50 -10.09 3.37
N ALA B 120 38.00 -11.28 3.72
CA ALA B 120 38.90 -12.41 3.94
C ALA B 120 39.55 -12.91 2.66
N ARG B 121 38.99 -12.60 1.49
CA ARG B 121 39.53 -13.08 0.23
C ARG B 121 40.20 -11.96 -0.55
N ARG B 122 40.53 -10.89 0.15
CA ARG B 122 41.22 -9.76 -0.42
C ARG B 122 42.66 -10.10 -0.80
N PRO B 123 43.12 -9.73 -1.99
CA PRO B 123 44.55 -9.50 -2.20
C PRO B 123 44.87 -8.03 -1.96
N PRO B 124 45.91 -7.73 -1.21
CA PRO B 124 46.34 -6.33 -1.12
C PRO B 124 47.39 -5.97 -2.18
N GLY B 125 47.03 -5.07 -3.08
CA GLY B 125 47.91 -4.65 -4.15
C GLY B 125 47.60 -3.25 -4.66
N GLN B 139 40.66 -16.46 -2.98
CA GLN B 139 40.70 -15.53 -4.11
C GLN B 139 39.37 -15.50 -4.91
N LEU B 140 38.88 -14.30 -5.21
CA LEU B 140 37.66 -14.11 -5.97
C LEU B 140 37.99 -13.58 -7.36
N SER B 141 37.55 -14.28 -8.39
CA SER B 141 37.71 -13.83 -9.76
C SER B 141 36.71 -12.72 -10.07
N SER B 142 36.97 -12.05 -11.18
CA SER B 142 36.04 -11.05 -11.71
C SER B 142 34.63 -11.63 -11.85
N LYS B 143 34.54 -12.86 -12.34
CA LYS B 143 33.24 -13.49 -12.55
C LYS B 143 32.55 -13.80 -11.23
N ASP B 144 33.32 -14.23 -10.22
CA ASP B 144 32.76 -14.42 -8.89
C ASP B 144 32.13 -13.14 -8.37
N LEU B 145 32.80 -12.01 -8.58
CA LEU B 145 32.31 -10.75 -8.05
C LEU B 145 31.02 -10.33 -8.74
N VAL B 146 30.97 -10.40 -10.07
CA VAL B 146 29.75 -10.02 -10.77
C VAL B 146 28.64 -11.02 -10.45
N SER B 147 29.01 -12.26 -10.18
CA SER B 147 28.00 -13.27 -9.86
C SER B 147 27.40 -13.02 -8.49
N CYS B 148 28.22 -12.59 -7.51
CA CYS B 148 27.70 -12.16 -6.22
C CYS B 148 26.68 -11.02 -6.39
N ALA B 149 27.04 -10.02 -7.19
CA ALA B 149 26.14 -8.89 -7.43
C ALA B 149 24.84 -9.32 -8.09
N TYR B 150 24.94 -10.17 -9.11
CA TYR B 150 23.75 -10.71 -9.77
C TYR B 150 22.82 -11.42 -8.78
N GLN B 151 23.38 -12.23 -7.89
CA GLN B 151 22.54 -12.98 -6.96
C GLN B 151 21.83 -12.06 -5.99
N VAL B 152 22.51 -11.02 -5.50
CA VAL B 152 21.86 -10.06 -4.61
C VAL B 152 20.77 -9.31 -5.38
N ALA B 153 21.07 -8.87 -6.60
CA ALA B 153 20.02 -8.21 -7.41
C ALA B 153 18.82 -9.13 -7.65
N ARG B 154 19.06 -10.42 -7.84
CA ARG B 154 17.94 -11.34 -8.09
C ARG B 154 17.09 -11.51 -6.84
N GLY B 155 17.73 -11.59 -5.67
CA GLY B 155 16.98 -11.61 -4.43
C GLY B 155 16.19 -10.34 -4.20
N MET B 156 16.79 -9.18 -4.49
CA MET B 156 16.05 -7.93 -4.32
C MET B 156 14.93 -7.81 -5.34
N GLU B 157 15.14 -8.31 -6.54
CA GLU B 157 14.06 -8.26 -7.54
C GLU B 157 12.86 -9.08 -7.04
N TYR B 158 13.11 -10.25 -6.47
CA TYR B 158 12.03 -11.07 -5.89
C TYR B 158 11.33 -10.32 -4.75
N LEU B 159 12.12 -9.81 -3.79
CA LEU B 159 11.53 -9.10 -2.66
C LEU B 159 10.70 -7.93 -3.14
N ALA B 160 11.20 -7.18 -4.13
CA ALA B 160 10.42 -6.04 -4.65
C ALA B 160 9.13 -6.51 -5.33
N SER B 161 9.14 -7.67 -5.96
CA SER B 161 7.91 -8.16 -6.58
C SER B 161 6.89 -8.60 -5.54
N LYS B 162 7.33 -8.89 -4.33
CA LYS B 162 6.43 -9.21 -3.22
C LYS B 162 6.15 -7.98 -2.36
N LYS B 163 6.44 -6.78 -2.87
CA LYS B 163 6.11 -5.50 -2.22
C LYS B 163 6.95 -5.27 -0.96
N CYS B 164 8.14 -5.84 -0.89
CA CYS B 164 9.00 -5.74 0.29
C CYS B 164 10.12 -4.74 -0.01
N ILE B 165 10.13 -3.66 0.76
CA ILE B 165 11.21 -2.67 0.77
C ILE B 165 12.17 -3.04 1.89
N HIS B 166 13.46 -3.04 1.59
CA HIS B 166 14.45 -3.53 2.55
C HIS B 166 14.84 -2.45 3.56
N ARG B 167 15.23 -1.27 3.08
CA ARG B 167 15.60 -0.08 3.85
C ARG B 167 17.02 -0.12 4.44
N ASP B 168 17.70 -1.26 4.47
CA ASP B 168 19.10 -1.28 4.95
C ASP B 168 19.92 -2.31 4.18
N LEU B 169 19.89 -2.21 2.86
CA LEU B 169 20.64 -3.14 2.02
C LEU B 169 22.12 -2.74 2.07
N ALA B 170 22.97 -3.69 2.47
CA ALA B 170 24.40 -3.47 2.62
C ALA B 170 25.02 -4.86 2.67
N ALA B 171 26.31 -4.94 2.35
CA ALA B 171 26.94 -6.25 2.30
C ALA B 171 26.89 -6.96 3.65
N ARG B 172 26.93 -6.21 4.76
CA ARG B 172 26.84 -6.84 6.09
C ARG B 172 25.50 -7.53 6.30
N ASN B 173 24.49 -7.20 5.47
CA ASN B 173 23.16 -7.79 5.57
C ASN B 173 22.88 -8.83 4.48
N VAL B 174 23.92 -9.32 3.83
CA VAL B 174 23.86 -10.45 2.90
C VAL B 174 24.68 -11.55 3.55
N LEU B 175 24.13 -12.76 3.59
CA LEU B 175 24.83 -13.92 4.14
C LEU B 175 25.23 -14.85 3.00
N VAL B 176 26.29 -15.62 3.21
CA VAL B 176 26.86 -16.51 2.20
C VAL B 176 26.79 -17.96 2.72
N THR B 177 26.20 -18.86 1.93
CA THR B 177 26.05 -20.24 2.38
C THR B 177 27.32 -21.05 2.09
N GLU B 178 27.27 -22.33 2.47
CA GLU B 178 28.39 -23.23 2.20
C GLU B 178 28.66 -23.35 0.71
N ASP B 179 27.62 -23.21 -0.12
CA ASP B 179 27.71 -23.32 -1.57
C ASP B 179 27.95 -21.98 -2.26
N ASN B 180 28.34 -20.95 -1.50
CA ASN B 180 28.58 -19.61 -2.05
C ASN B 180 27.33 -18.99 -2.66
N VAL B 181 26.15 -19.33 -2.14
CA VAL B 181 24.92 -18.67 -2.55
C VAL B 181 24.75 -17.42 -1.69
N MET B 182 24.41 -16.31 -2.33
CA MET B 182 24.16 -15.07 -1.61
C MET B 182 22.72 -15.08 -1.15
N LYS B 183 22.49 -14.72 0.12
CA LYS B 183 21.12 -14.67 0.63
C LYS B 183 20.87 -13.37 1.40
N ILE B 184 19.90 -12.60 0.94
CA ILE B 184 19.58 -11.35 1.63
C ILE B 184 18.95 -11.68 2.98
N ALA B 185 19.46 -11.06 4.04
CA ALA B 185 18.87 -11.18 5.37
C ALA B 185 18.10 -9.92 5.71
N ASP B 186 17.18 -10.03 6.67
CA ASP B 186 16.55 -8.89 7.35
C ASP B 186 15.56 -8.17 6.48
N PHE B 187 15.05 -8.85 5.46
CA PHE B 187 14.12 -8.19 4.55
C PHE B 187 12.73 -8.04 5.17
N GLY B 188 12.37 -8.89 6.13
CA GLY B 188 11.06 -8.93 6.74
C GLY B 188 10.87 -8.09 7.99
N LEU B 189 11.85 -7.28 8.38
CA LEU B 189 11.74 -6.47 9.60
C LEU B 189 10.79 -5.30 9.42
N ALA B 190 10.12 -4.94 10.51
CA ALA B 190 9.23 -3.78 10.53
C ALA B 190 10.01 -2.47 10.37
N TYR B 198 18.95 8.56 14.96
CA TYR B 198 19.37 7.46 14.11
C TYR B 198 20.69 7.77 13.38
N TYR B 199 20.72 8.92 12.70
CA TYR B 199 21.73 9.23 11.68
C TYR B 199 23.16 9.27 12.22
N LYS B 200 23.37 9.16 13.53
CA LYS B 200 24.68 9.39 14.12
C LYS B 200 25.17 8.19 14.92
N LYS B 201 24.67 6.99 14.69
CA LYS B 201 25.00 5.86 15.54
C LYS B 201 25.30 4.62 14.70
N THR B 202 26.27 3.83 15.15
CA THR B 202 26.63 2.56 14.55
C THR B 202 26.18 1.28 15.27
N THR B 203 25.77 0.28 14.49
CA THR B 203 25.17 -0.92 15.09
C THR B 203 26.25 -1.84 15.65
N ASN B 204 27.09 -2.39 14.77
CA ASN B 204 28.29 -3.09 15.21
C ASN B 204 29.53 -2.59 14.49
N GLY B 205 29.53 -1.31 14.13
CA GLY B 205 30.64 -0.72 13.42
C GLY B 205 30.20 0.07 12.21
N ARG B 206 29.10 -0.35 11.59
CA ARG B 206 28.66 0.27 10.35
C ARG B 206 27.82 1.51 10.62
N LEU B 207 28.03 2.54 9.79
CA LEU B 207 27.26 3.78 9.82
C LEU B 207 26.21 3.77 8.71
N PRO B 208 24.98 3.32 8.99
CA PRO B 208 24.02 3.02 7.91
C PRO B 208 23.67 4.19 7.00
N VAL B 209 23.78 5.45 7.45
CA VAL B 209 23.44 6.58 6.60
C VAL B 209 24.25 6.61 5.30
N LYS B 210 25.44 6.01 5.28
CA LYS B 210 26.23 6.05 4.05
C LYS B 210 25.74 5.07 2.99
N TRP B 211 24.69 4.31 3.29
CA TRP B 211 24.01 3.47 2.33
C TRP B 211 22.65 4.03 1.91
N MET B 212 22.20 5.11 2.53
CA MET B 212 20.85 5.61 2.28
C MET B 212 20.79 6.56 1.10
N ALA B 213 19.72 6.42 0.32
CA ALA B 213 19.45 7.33 -0.76
C ALA B 213 19.12 8.71 -0.20
N PRO B 214 19.38 9.78 -0.97
CA PRO B 214 19.14 11.13 -0.44
C PRO B 214 17.69 11.35 -0.02
N GLU B 215 16.71 10.87 -0.80
CA GLU B 215 15.31 11.05 -0.39
C GLU B 215 15.02 10.36 0.93
N ALA B 216 15.68 9.23 1.22
CA ALA B 216 15.55 8.60 2.52
C ALA B 216 16.37 9.33 3.57
N LEU B 217 17.53 9.85 3.16
CA LEU B 217 18.41 10.58 4.07
C LEU B 217 17.79 11.91 4.51
N PHE B 218 17.11 12.61 3.60
CA PHE B 218 16.51 13.91 3.89
C PHE B 218 15.06 13.82 4.29
N ASP B 219 14.25 13.02 3.58
CA ASP B 219 12.80 13.09 3.69
C ASP B 219 12.16 11.77 4.11
N ARG B 220 12.92 10.85 4.69
CA ARG B 220 12.36 9.61 5.24
C ARG B 220 11.57 8.79 4.21
N ILE B 221 11.84 9.02 2.92
CA ILE B 221 11.07 8.39 1.85
C ILE B 221 11.77 7.11 1.43
N TYR B 222 11.08 5.97 1.59
CA TYR B 222 11.63 4.67 1.27
C TYR B 222 10.80 3.99 0.19
N THR B 223 11.43 3.70 -0.93
CA THR B 223 10.79 3.04 -2.06
C THR B 223 11.69 1.92 -2.54
N HIS B 224 11.21 1.13 -3.51
CA HIS B 224 12.12 0.18 -4.15
C HIS B 224 13.29 0.91 -4.78
N GLN B 225 13.06 2.15 -5.25
CA GLN B 225 14.16 2.89 -5.88
C GLN B 225 15.17 3.41 -4.87
N SER B 226 14.79 3.61 -3.62
CA SER B 226 15.83 3.96 -2.66
C SER B 226 16.66 2.73 -2.27
N ASP B 227 16.08 1.54 -2.37
CA ASP B 227 16.86 0.31 -2.23
C ASP B 227 17.87 0.17 -3.36
N VAL B 228 17.50 0.61 -4.56
CA VAL B 228 18.44 0.56 -5.69
C VAL B 228 19.68 1.42 -5.42
N TRP B 229 19.48 2.61 -4.85
CA TRP B 229 20.64 3.39 -4.41
C TRP B 229 21.55 2.59 -3.48
N SER B 230 20.96 1.96 -2.44
CA SER B 230 21.75 1.14 -1.52
C SER B 230 22.46 0.02 -2.26
N PHE B 231 21.77 -0.56 -3.25
CA PHE B 231 22.39 -1.59 -4.06
C PHE B 231 23.64 -1.06 -4.76
N GLY B 232 23.55 0.18 -5.29
CA GLY B 232 24.74 0.82 -5.85
C GLY B 232 25.91 0.85 -4.86
N VAL B 233 25.63 1.20 -3.61
CA VAL B 233 26.68 1.20 -2.58
C VAL B 233 27.18 -0.21 -2.33
N LEU B 234 26.26 -1.18 -2.28
CA LEU B 234 26.64 -2.58 -2.13
C LEU B 234 27.54 -3.03 -3.28
N LEU B 235 27.21 -2.63 -4.52
CA LEU B 235 28.09 -2.93 -5.66
C LEU B 235 29.51 -2.40 -5.45
N TRP B 236 29.61 -1.15 -5.00
CA TRP B 236 30.91 -0.59 -4.65
C TRP B 236 31.61 -1.41 -3.55
N GLU B 237 30.87 -1.87 -2.54
CA GLU B 237 31.51 -2.70 -1.52
C GLU B 237 32.05 -3.99 -2.13
N ILE B 238 31.29 -4.60 -3.05
CA ILE B 238 31.74 -5.83 -3.68
C ILE B 238 33.05 -5.61 -4.43
N PHE B 239 33.12 -4.57 -5.26
CA PHE B 239 34.30 -4.40 -6.09
C PHE B 239 35.44 -3.69 -5.40
N THR B 240 35.25 -3.20 -4.17
CA THR B 240 36.37 -2.86 -3.30
C THR B 240 36.71 -4.00 -2.36
N LEU B 241 36.04 -5.15 -2.50
CA LEU B 241 36.22 -6.30 -1.63
C LEU B 241 36.04 -5.93 -0.17
N GLY B 242 34.95 -5.22 0.11
CA GLY B 242 34.59 -4.90 1.46
C GLY B 242 35.08 -3.57 1.99
N GLY B 243 35.26 -2.57 1.10
CA GLY B 243 35.71 -1.26 1.54
C GLY B 243 34.63 -0.47 2.27
N SER B 244 35.07 0.60 2.91
CA SER B 244 34.17 1.46 3.68
C SER B 244 33.83 2.70 2.89
N PRO B 245 32.56 2.98 2.67
CA PRO B 245 32.17 4.14 1.86
C PRO B 245 32.48 5.45 2.56
N TYR B 246 32.83 6.45 1.75
CA TYR B 246 33.11 7.82 2.19
C TYR B 246 33.95 7.81 3.49
N PRO B 247 35.13 7.22 3.46
CA PRO B 247 35.91 7.11 4.71
C PRO B 247 36.32 8.48 5.21
N GLY B 248 36.20 8.67 6.53
CA GLY B 248 36.53 9.94 7.17
C GLY B 248 35.53 11.05 6.97
N VAL B 249 34.38 10.80 6.38
CA VAL B 249 33.42 11.86 6.07
C VAL B 249 32.32 11.81 7.12
N PRO B 250 32.14 12.84 7.94
CA PRO B 250 31.05 12.84 8.91
C PRO B 250 29.71 13.10 8.24
N VAL B 251 28.65 12.75 8.99
CA VAL B 251 27.28 12.78 8.46
C VAL B 251 26.96 14.12 7.82
N GLU B 252 27.26 15.23 8.52
CA GLU B 252 26.88 16.55 8.01
C GLU B 252 27.55 16.84 6.69
N GLU B 253 28.82 16.42 6.54
CA GLU B 253 29.52 16.62 5.28
C GLU B 253 28.96 15.74 4.17
N LEU B 254 28.44 14.56 4.54
CA LEU B 254 27.83 13.68 3.54
C LEU B 254 26.63 14.32 2.87
N PHE B 255 25.76 14.99 3.66
CA PHE B 255 24.66 15.76 3.08
C PHE B 255 25.16 16.71 2.00
N LYS B 256 26.17 17.51 2.34
CA LYS B 256 26.71 18.47 1.38
C LYS B 256 27.24 17.76 0.14
N LEU B 257 28.15 16.78 0.33
CA LEU B 257 28.75 16.09 -0.80
C LEU B 257 27.70 15.62 -1.80
N LEU B 258 26.67 14.92 -1.30
CA LEU B 258 25.69 14.32 -2.20
C LEU B 258 24.90 15.39 -2.94
N LYS B 259 24.44 16.42 -2.21
CA LYS B 259 23.67 17.49 -2.83
C LYS B 259 24.45 18.14 -3.98
N GLU B 260 25.77 18.26 -3.84
CA GLU B 260 26.61 18.82 -4.89
C GLU B 260 26.96 17.83 -5.99
N GLY B 261 26.41 16.61 -5.95
CA GLY B 261 26.64 15.67 -7.01
C GLY B 261 27.94 14.88 -6.93
N HIS B 262 28.70 15.01 -5.84
CA HIS B 262 29.84 14.13 -5.63
C HIS B 262 29.35 12.70 -5.43
N ARG B 263 30.14 11.74 -5.92
CA ARG B 263 29.86 10.31 -5.76
C ARG B 263 31.18 9.60 -5.51
N MET B 264 31.10 8.36 -5.00
CA MET B 264 32.34 7.61 -4.81
C MET B 264 33.03 7.32 -6.15
N ASP B 265 34.35 7.15 -6.08
CA ASP B 265 35.20 6.90 -7.25
C ASP B 265 35.13 5.45 -7.71
N LYS B 266 35.56 5.21 -8.93
CA LYS B 266 35.53 3.85 -9.48
C LYS B 266 36.54 2.99 -8.75
N PRO B 267 36.14 1.84 -8.16
CA PRO B 267 37.13 1.00 -7.47
C PRO B 267 38.23 0.53 -8.43
N SER B 268 39.43 0.33 -7.87
CA SER B 268 40.56 -0.24 -8.62
C SER B 268 40.14 -1.52 -9.33
N ASN B 269 40.51 -1.62 -10.60
CA ASN B 269 40.32 -2.82 -11.41
C ASN B 269 38.87 -3.09 -11.76
N CYS B 270 37.94 -2.19 -11.42
CA CYS B 270 36.52 -2.39 -11.71
C CYS B 270 36.22 -1.88 -13.11
N THR B 271 35.35 -2.59 -13.86
CA THR B 271 35.10 -2.22 -15.25
C THR B 271 34.35 -0.90 -15.37
N ASN B 272 34.52 -0.21 -16.51
CA ASN B 272 33.73 0.99 -16.75
C ASN B 272 32.24 0.68 -16.74
N GLU B 273 31.86 -0.46 -17.30
CA GLU B 273 30.44 -0.84 -17.36
C GLU B 273 29.85 -0.98 -15.95
N LEU B 274 30.55 -1.66 -15.05
CA LEU B 274 30.03 -1.82 -13.69
C LEU B 274 30.06 -0.51 -12.91
N TYR B 275 31.03 0.38 -13.18
CA TYR B 275 31.00 1.69 -12.54
C TYR B 275 29.84 2.52 -13.09
N MET B 276 29.54 2.37 -14.37
CA MET B 276 28.36 3.06 -14.88
C MET B 276 27.10 2.55 -14.21
N MET B 277 27.01 1.23 -13.97
CA MET B 277 25.92 0.70 -13.13
C MET B 277 25.81 1.40 -11.79
N MET B 278 26.91 1.47 -11.03
CA MET B 278 26.79 2.10 -9.72
C MET B 278 26.38 3.55 -9.83
N ARG B 279 26.97 4.28 -10.79
CA ARG B 279 26.57 5.68 -10.97
C ARG B 279 25.11 5.81 -11.38
N ASP B 280 24.57 4.87 -12.17
CA ASP B 280 23.13 4.89 -12.50
C ASP B 280 22.26 4.68 -11.27
N CYS B 281 22.66 3.75 -10.38
CA CYS B 281 21.96 3.58 -9.12
C CYS B 281 22.00 4.82 -8.24
N TRP B 282 23.01 5.68 -8.42
CA TRP B 282 23.16 6.88 -7.60
C TRP B 282 22.65 8.14 -8.30
N HIS B 283 21.79 7.99 -9.31
CA HIS B 283 21.08 9.16 -9.83
C HIS B 283 20.35 9.86 -8.70
N ALA B 284 20.39 11.19 -8.71
CA ALA B 284 19.67 11.94 -7.68
C ALA B 284 18.15 11.71 -7.75
N VAL B 285 17.61 11.49 -8.93
CA VAL B 285 16.17 11.35 -9.14
C VAL B 285 15.81 9.86 -9.11
N PRO B 286 14.98 9.41 -8.17
CA PRO B 286 14.66 7.96 -8.09
C PRO B 286 14.20 7.35 -9.41
N SER B 287 13.30 8.01 -10.15
CA SER B 287 12.77 7.42 -11.38
C SER B 287 13.82 7.29 -12.49
N GLN B 288 14.97 7.95 -12.38
CA GLN B 288 16.04 7.75 -13.35
C GLN B 288 17.02 6.65 -12.97
N ARG B 289 16.98 6.12 -11.74
CA ARG B 289 17.77 4.94 -11.43
C ARG B 289 17.18 3.71 -12.13
N PRO B 290 18.00 2.71 -12.43
CA PRO B 290 17.43 1.45 -12.91
C PRO B 290 16.51 0.84 -11.88
N THR B 291 15.63 -0.05 -12.33
CA THR B 291 14.90 -0.92 -11.40
C THR B 291 15.70 -2.20 -11.18
N PHE B 292 15.30 -2.97 -10.15
CA PHE B 292 15.97 -4.25 -9.93
C PHE B 292 15.74 -5.19 -11.10
N LYS B 293 14.58 -5.10 -11.75
CA LYS B 293 14.36 -5.93 -12.93
C LYS B 293 15.39 -5.63 -14.01
N GLN B 294 15.69 -4.34 -14.26
CA GLN B 294 16.71 -3.99 -15.25
C GLN B 294 18.11 -4.41 -14.80
N LEU B 295 18.41 -4.24 -13.50
CA LEU B 295 19.73 -4.62 -12.99
C LEU B 295 19.97 -6.11 -13.17
N VAL B 296 18.95 -6.93 -12.89
CA VAL B 296 19.08 -8.38 -13.08
C VAL B 296 19.37 -8.70 -14.54
N GLU B 297 18.62 -8.09 -15.46
CA GLU B 297 18.85 -8.32 -16.88
C GLU B 297 20.28 -7.94 -17.28
N ASP B 298 20.72 -6.75 -16.87
CA ASP B 298 22.08 -6.30 -17.22
C ASP B 298 23.13 -7.20 -16.59
N LEU B 299 22.99 -7.52 -15.29
CA LEU B 299 24.00 -8.35 -14.63
C LEU B 299 24.01 -9.76 -15.21
N ASP B 300 22.84 -10.28 -15.62
CA ASP B 300 22.82 -11.58 -16.29
C ASP B 300 23.70 -11.57 -17.54
N ARG B 301 23.61 -10.52 -18.34
CA ARG B 301 24.49 -10.40 -19.51
C ARG B 301 25.95 -10.34 -19.09
N ILE B 302 26.25 -9.51 -18.08
CA ILE B 302 27.66 -9.30 -17.72
C ILE B 302 28.27 -10.57 -17.16
N VAL B 303 27.51 -11.31 -16.34
CA VAL B 303 28.03 -12.56 -15.81
C VAL B 303 28.39 -13.49 -16.97
N ALA B 304 27.48 -13.60 -17.95
CA ALA B 304 27.71 -14.46 -19.10
C ALA B 304 28.96 -14.06 -19.87
N LEU B 305 29.21 -12.75 -19.98
CA LEU B 305 30.32 -12.26 -20.79
C LEU B 305 31.61 -12.03 -19.99
N THR B 306 31.66 -12.40 -18.71
CA THR B 306 32.86 -12.22 -17.90
C THR B 306 33.63 -13.53 -17.78
N SER B 307 34.94 -13.47 -17.96
CA SER B 307 35.78 -14.65 -17.81
C SER B 307 36.24 -14.82 -16.37
N ASN B 308 36.62 -16.04 -16.03
CA ASN B 308 37.24 -16.33 -14.73
C ASN B 308 38.76 -16.47 -14.86
#